data_4IY6
#
_entry.id   4IY6
#
_cell.length_a   64.330
_cell.length_b   101.040
_cell.length_c   47.360
_cell.angle_alpha   90.00
_cell.angle_beta   90.00
_cell.angle_gamma   90.00
#
_symmetry.space_group_name_H-M   'P 21 21 2'
#
loop_
_entity.id
_entity.type
_entity.pdbx_description
1 polymer 'Glutamate receptor 2'
2 non-polymer [(3R)-3-methylpiperidin-1-yl](quinoxalin-6-yl)methanone
3 non-polymer [(3S)-3-methylpiperidin-1-yl](quinoxalin-6-yl)methanone
4 non-polymer 'GLUTAMIC ACID'
5 non-polymer GLYCEROL
6 non-polymer 'SULFATE ION'
7 water water
#
_entity_poly.entity_id   1
_entity_poly.type   'polypeptide(L)'
_entity_poly.pdbx_seq_one_letter_code
;GANKTVVVTTILESPYVMMKKNHEMLEGNERYEGYCVDLAAEIAKHCGFKYKLTIVGDGKYGARDADTKIWNGMVGELVY
GKADIAIAPLTITYVREEVIDFSKPFMSLGISIMIKKGTPIESAEDLSKQTEIAYGTLDSGSTKEFFRRSKIAVFDKMWT
YMRSAEPSVFVRTTAEGVARVRKSKGKYAYLLESTMNEYIEQRKPCDTMKVGGNLDSKGYGIATPKGSSLGNAVNLAVLK
LSEQGLLDKLKNKWWYDKGECGS
;
_entity_poly.pdbx_strand_id   A
#
# COMPACT_ATOMS: atom_id res chain seq x y z
N GLY A 1 19.13 -10.30 -25.36
CA GLY A 1 18.95 -9.45 -26.58
C GLY A 1 18.97 -7.96 -26.24
N ALA A 2 18.43 -7.17 -27.15
CA ALA A 2 18.46 -5.71 -27.03
C ALA A 2 17.72 -5.23 -25.79
N ASN A 3 18.18 -4.11 -25.26
CA ASN A 3 17.49 -3.45 -24.16
C ASN A 3 16.05 -3.16 -24.54
N LYS A 4 15.15 -3.37 -23.57
CA LYS A 4 13.73 -3.17 -23.77
C LYS A 4 13.21 -2.32 -22.63
N THR A 5 12.17 -1.54 -22.92
CA THR A 5 11.55 -0.73 -21.90
C THR A 5 10.86 -1.62 -20.88
N VAL A 6 11.16 -1.35 -19.62
CA VAL A 6 10.64 -2.14 -18.51
C VAL A 6 9.23 -1.67 -18.18
N VAL A 7 8.25 -2.58 -18.16
CA VAL A 7 6.90 -2.23 -17.77
C VAL A 7 6.76 -2.30 -16.26
N VAL A 8 6.40 -1.17 -15.66
CA VAL A 8 6.25 -1.07 -14.22
C VAL A 8 4.76 -1.05 -13.92
N THR A 9 4.33 -1.97 -13.07
CA THR A 9 2.97 -1.90 -12.56
C THR A 9 3.00 -1.17 -11.21
N THR A 10 2.01 -0.30 -11.03
CA THR A 10 1.89 0.42 -9.77
C THR A 10 0.41 0.71 -9.57
N ILE A 11 0.08 1.44 -8.52
CA ILE A 11 -1.32 1.62 -8.11
C ILE A 11 -1.54 3.06 -7.73
N LEU A 12 -2.71 3.61 -8.07
CA LEU A 12 -3.02 4.98 -7.68
C LEU A 12 -3.42 4.99 -6.24
N GLU A 13 -2.46 5.40 -5.40
CA GLU A 13 -2.59 5.37 -3.95
C GLU A 13 -1.76 6.52 -3.42
N SER A 14 -2.41 7.52 -2.83
CA SER A 14 -1.66 8.67 -2.33
C SER A 14 -0.87 8.30 -1.10
N PRO A 15 0.36 8.86 -0.95
CA PRO A 15 1.05 9.77 -1.86
C PRO A 15 2.08 9.02 -2.70
N TYR A 16 1.91 7.71 -2.82
CA TYR A 16 2.84 6.89 -3.61
C TYR A 16 2.77 7.17 -5.11
N VAL A 17 1.54 7.18 -5.64
CA VAL A 17 1.33 7.56 -7.03
C VAL A 17 0.03 8.36 -7.09
N MET A 18 0.14 9.56 -7.64
CA MET A 18 -0.96 10.50 -7.75
C MET A 18 -0.93 11.12 -9.15
N MET A 19 -2.08 11.60 -9.61
CA MET A 19 -2.15 12.27 -10.90
C MET A 19 -1.62 13.68 -10.76
N LYS A 20 -0.66 14.03 -11.61
CA LYS A 20 0.00 15.33 -11.52
C LYS A 20 -0.89 16.45 -12.04
N LYS A 21 -0.71 17.65 -11.49
CA LYS A 21 -1.43 18.81 -12.02
C LYS A 21 -1.36 18.86 -13.55
N ASN A 22 -2.51 19.04 -14.20
CA ASN A 22 -2.58 19.13 -15.67
C ASN A 22 -2.27 17.82 -16.42
N HIS A 23 -2.37 16.70 -15.72
CA HIS A 23 -2.04 15.40 -16.29
CA HIS A 23 -2.04 15.40 -16.31
C HIS A 23 -2.80 15.07 -17.57
N GLU A 24 -4.03 15.56 -17.70
CA GLU A 24 -4.82 15.21 -18.89
C GLU A 24 -4.14 15.67 -20.18
N MET A 25 -3.29 16.69 -20.06
CA MET A 25 -2.54 17.27 -21.17
C MET A 25 -1.14 16.70 -21.28
N LEU A 26 -0.80 15.76 -20.39
CA LEU A 26 0.56 15.23 -20.36
C LEU A 26 0.51 13.78 -20.82
N GLU A 27 1.68 13.19 -21.09
CA GLU A 27 1.74 11.83 -21.59
C GLU A 27 2.77 10.99 -20.84
N GLY A 28 2.56 9.67 -20.86
CA GLY A 28 3.52 8.74 -20.32
C GLY A 28 3.78 8.97 -18.85
N ASN A 29 5.03 8.83 -18.43
CA ASN A 29 5.34 8.90 -17.02
C ASN A 29 5.11 10.27 -16.40
N GLU A 30 5.04 11.31 -17.24
CA GLU A 30 4.86 12.67 -16.75
C GLU A 30 3.46 12.92 -16.19
N ARG A 31 2.54 11.99 -16.40
CA ARG A 31 1.20 12.11 -15.86
C ARG A 31 1.15 11.95 -14.35
N TYR A 32 2.20 11.34 -13.78
CA TYR A 32 2.16 10.88 -12.40
C TYR A 32 3.22 11.54 -11.52
N GLU A 33 2.95 11.60 -10.22
CA GLU A 33 3.91 12.05 -9.25
C GLU A 33 3.72 11.31 -7.96
N GLY A 34 4.73 11.34 -7.11
CA GLY A 34 4.61 10.71 -5.82
C GLY A 34 5.85 9.97 -5.40
N TYR A 35 5.78 9.40 -4.20
CA TYR A 35 6.90 8.66 -3.63
C TYR A 35 7.39 7.56 -4.55
N CYS A 36 6.48 6.74 -5.05
CA CYS A 36 6.90 5.64 -5.89
C CYS A 36 7.31 6.09 -7.30
N VAL A 37 6.79 7.21 -7.77
CA VAL A 37 7.23 7.77 -9.06
C VAL A 37 8.68 8.18 -8.92
N ASP A 38 9.00 8.88 -7.82
CA ASP A 38 10.38 9.25 -7.53
C ASP A 38 11.27 8.00 -7.34
N LEU A 39 10.76 7.02 -6.60
CA LEU A 39 11.53 5.81 -6.32
C LEU A 39 11.81 5.04 -7.62
N ALA A 40 10.80 4.93 -8.49
CA ALA A 40 11.01 4.28 -9.80
C ALA A 40 12.14 4.96 -10.57
N ALA A 41 12.15 6.29 -10.59
CA ALA A 41 13.20 7.02 -11.32
C ALA A 41 14.58 6.70 -10.76
N GLU A 42 14.68 6.68 -9.43
CA GLU A 42 15.97 6.38 -8.79
C GLU A 42 16.43 4.96 -9.05
N ILE A 43 15.52 4.01 -8.97
CA ILE A 43 15.88 2.62 -9.22
CA ILE A 43 15.85 2.61 -9.22
C ILE A 43 16.30 2.45 -10.67
N ALA A 44 15.56 3.08 -11.58
CA ALA A 44 15.86 2.96 -13.02
C ALA A 44 17.24 3.51 -13.31
N LYS A 45 17.56 4.63 -12.67
CA LYS A 45 18.85 5.28 -12.84
C LYS A 45 19.98 4.38 -12.40
N HIS A 46 19.84 3.78 -11.22
CA HIS A 46 20.89 2.93 -10.67
CA HIS A 46 20.88 2.92 -10.68
C HIS A 46 20.99 1.60 -11.42
N CYS A 47 19.89 1.15 -12.00
CA CYS A 47 19.91 -0.14 -12.69
C CYS A 47 20.14 -0.04 -14.19
N GLY A 48 20.07 1.17 -14.73
CA GLY A 48 20.32 1.42 -16.14
C GLY A 48 19.23 0.96 -17.09
N PHE A 49 17.96 1.12 -16.70
CA PHE A 49 16.85 0.79 -17.60
C PHE A 49 15.88 1.94 -17.82
N LYS A 50 15.24 1.92 -18.99
CA LYS A 50 14.11 2.80 -19.32
C LYS A 50 12.85 2.08 -18.89
N TYR A 51 11.81 2.83 -18.55
CA TYR A 51 10.61 2.22 -18.00
C TYR A 51 9.35 3.01 -18.34
N LYS A 52 8.24 2.29 -18.31
CA LYS A 52 6.92 2.86 -18.50
C LYS A 52 6.06 2.52 -17.30
N LEU A 53 5.61 3.56 -16.59
CA LEU A 53 4.68 3.39 -15.50
C LEU A 53 3.29 3.03 -16.03
N THR A 54 2.68 2.00 -15.47
CA THR A 54 1.31 1.64 -15.82
C THR A 54 0.52 1.42 -14.56
N ILE A 55 -0.73 1.86 -14.51
CA ILE A 55 -1.56 1.64 -13.35
C ILE A 55 -2.28 0.32 -13.50
N VAL A 56 -2.16 -0.51 -12.48
CA VAL A 56 -2.73 -1.84 -12.46
C VAL A 56 -4.20 -1.80 -12.88
N GLY A 57 -4.54 -2.70 -13.82
CA GLY A 57 -5.82 -2.65 -14.49
C GLY A 57 -7.01 -2.76 -13.58
N ASP A 58 -6.91 -3.64 -12.58
CA ASP A 58 -8.04 -3.89 -11.70
C ASP A 58 -8.01 -3.07 -10.40
N GLY A 59 -7.00 -2.22 -10.25
CA GLY A 59 -6.88 -1.33 -9.10
C GLY A 59 -6.63 -2.02 -7.76
N LYS A 60 -6.12 -3.25 -7.82
CA LYS A 60 -5.88 -4.05 -6.62
C LYS A 60 -4.41 -4.37 -6.33
N TYR A 61 -4.12 -4.68 -5.07
CA TYR A 61 -2.77 -5.06 -4.65
C TYR A 61 -2.47 -6.48 -5.07
N GLY A 62 -3.27 -7.44 -4.63
CA GLY A 62 -3.11 -8.80 -5.11
C GLY A 62 -3.44 -9.86 -4.10
N ALA A 63 -4.40 -10.71 -4.48
CA ALA A 63 -4.83 -11.83 -3.68
C ALA A 63 -5.09 -12.98 -4.63
N ARG A 64 -5.00 -14.19 -4.08
CA ARG A 64 -5.22 -15.41 -4.85
C ARG A 64 -6.61 -15.94 -4.53
N ASP A 65 -7.43 -16.06 -5.56
CA ASP A 65 -8.77 -16.63 -5.40
C ASP A 65 -8.65 -18.10 -4.99
N ALA A 66 -9.30 -18.48 -3.90
CA ALA A 66 -9.20 -19.84 -3.36
C ALA A 66 -9.91 -20.87 -4.26
N ASP A 67 -10.96 -20.43 -4.94
CA ASP A 67 -11.63 -21.28 -5.94
C ASP A 67 -10.78 -21.48 -7.21
N THR A 68 -10.53 -20.39 -7.94
CA THR A 68 -9.85 -20.46 -9.24
C THR A 68 -8.34 -20.50 -9.13
N LYS A 69 -7.82 -20.13 -7.95
CA LYS A 69 -6.37 -20.09 -7.71
C LYS A 69 -5.66 -19.01 -8.55
N ILE A 70 -6.43 -18.07 -9.10
CA ILE A 70 -5.87 -17.01 -9.93
C ILE A 70 -5.54 -15.79 -9.08
N TRP A 71 -4.35 -15.21 -9.30
CA TRP A 71 -3.96 -13.98 -8.62
C TRP A 71 -4.48 -12.75 -9.33
N ASN A 72 -4.94 -11.78 -8.57
CA ASN A 72 -5.34 -10.51 -9.16
C ASN A 72 -4.36 -9.41 -8.79
N GLY A 73 -4.71 -8.18 -9.13
CA GLY A 73 -3.91 -7.03 -8.77
C GLY A 73 -2.52 -7.01 -9.36
N MET A 74 -1.64 -6.25 -8.71
CA MET A 74 -0.24 -6.14 -9.18
C MET A 74 0.48 -7.46 -9.12
N VAL A 75 0.16 -8.28 -8.13
CA VAL A 75 0.79 -9.58 -8.04
C VAL A 75 0.45 -10.39 -9.30
N GLY A 76 -0.83 -10.43 -9.66
CA GLY A 76 -1.25 -11.08 -10.90
C GLY A 76 -0.54 -10.56 -12.12
N GLU A 77 -0.36 -9.26 -12.22
CA GLU A 77 0.33 -8.67 -13.38
CA GLU A 77 0.30 -8.71 -13.40
C GLU A 77 1.73 -9.23 -13.52
N LEU A 78 2.41 -9.43 -12.38
CA LEU A 78 3.74 -10.03 -12.42
C LEU A 78 3.67 -11.52 -12.77
N VAL A 79 2.76 -12.22 -12.11
CA VAL A 79 2.67 -13.68 -12.22
C VAL A 79 2.31 -14.10 -13.65
N TYR A 80 1.44 -13.35 -14.30
CA TYR A 80 0.98 -13.72 -15.65
C TYR A 80 1.72 -12.98 -16.78
N GLY A 81 2.78 -12.28 -16.44
CA GLY A 81 3.67 -11.73 -17.46
C GLY A 81 3.22 -10.44 -18.08
N LYS A 82 2.37 -9.69 -17.38
CA LYS A 82 1.86 -8.44 -17.92
C LYS A 82 2.69 -7.21 -17.50
N ALA A 83 3.55 -7.39 -16.51
CA ALA A 83 4.49 -6.37 -16.10
C ALA A 83 5.81 -7.00 -15.69
N ASP A 84 6.88 -6.21 -15.76
CA ASP A 84 8.22 -6.66 -15.44
C ASP A 84 8.62 -6.41 -13.97
N ILE A 85 7.98 -5.43 -13.34
CA ILE A 85 8.36 -5.03 -11.98
C ILE A 85 7.15 -4.27 -11.40
N ALA A 86 6.95 -4.40 -10.09
CA ALA A 86 5.97 -3.62 -9.36
C ALA A 86 6.70 -2.67 -8.43
N ILE A 87 6.42 -1.38 -8.55
CA ILE A 87 7.04 -0.38 -7.67
C ILE A 87 5.87 0.36 -7.05
N ALA A 88 5.54 -0.07 -5.84
CA ALA A 88 4.29 0.29 -5.18
C ALA A 88 4.39 -0.06 -3.70
N PRO A 89 3.46 0.41 -2.88
CA PRO A 89 3.39 0.02 -1.45
C PRO A 89 2.83 -1.41 -1.32
N LEU A 90 3.62 -2.35 -1.83
CA LEU A 90 3.26 -3.75 -1.91
C LEU A 90 3.93 -4.52 -0.78
N THR A 91 3.10 -5.01 0.13
CA THR A 91 3.57 -5.67 1.34
C THR A 91 4.21 -7.03 1.04
N ILE A 92 5.39 -7.26 1.62
CA ILE A 92 6.05 -8.56 1.54
C ILE A 92 5.35 -9.53 2.47
N THR A 93 4.78 -10.57 1.89
CA THR A 93 4.06 -11.59 2.64
C THR A 93 4.53 -12.98 2.22
N TYR A 94 4.24 -13.97 3.06
CA TYR A 94 4.61 -15.33 2.79
C TYR A 94 4.01 -15.85 1.48
N VAL A 95 2.69 -15.73 1.32
CA VAL A 95 2.05 -16.29 0.14
C VAL A 95 2.50 -15.60 -1.15
N ARG A 96 2.81 -14.30 -1.07
CA ARG A 96 3.34 -13.62 -2.24
C ARG A 96 4.78 -14.06 -2.53
N GLU A 97 5.59 -14.18 -1.48
CA GLU A 97 7.00 -14.56 -1.65
C GLU A 97 7.11 -15.91 -2.35
N GLU A 98 6.13 -16.77 -2.14
CA GLU A 98 6.12 -18.06 -2.85
C GLU A 98 5.99 -17.95 -4.35
N VAL A 99 5.35 -16.89 -4.85
CA VAL A 99 5.08 -16.78 -6.28
C VAL A 99 5.78 -15.65 -7.04
N ILE A 100 6.29 -14.63 -6.34
CA ILE A 100 7.06 -13.54 -6.95
C ILE A 100 8.31 -13.28 -6.12
N ASP A 101 9.27 -12.56 -6.69
CA ASP A 101 10.47 -12.14 -5.98
C ASP A 101 10.28 -10.73 -5.40
N PHE A 102 10.88 -10.47 -4.23
CA PHE A 102 10.82 -9.19 -3.57
C PHE A 102 12.23 -8.73 -3.23
N SER A 103 12.48 -7.44 -3.42
CA SER A 103 13.65 -6.78 -2.84
C SER A 103 13.57 -6.81 -1.32
N LYS A 104 14.69 -6.54 -0.67
CA LYS A 104 14.62 -6.13 0.72
C LYS A 104 13.69 -4.90 0.85
N PRO A 105 13.13 -4.70 2.02
CA PRO A 105 12.10 -3.66 2.07
C PRO A 105 12.64 -2.27 1.90
N PHE A 106 11.79 -1.39 1.35
CA PHE A 106 12.15 0.02 1.20
C PHE A 106 11.43 0.92 2.17
N MET A 107 10.46 0.37 2.89
CA MET A 107 9.67 1.14 3.85
C MET A 107 9.06 0.16 4.84
N SER A 108 9.00 0.56 6.11
CA SER A 108 8.39 -0.24 7.15
C SER A 108 6.96 0.26 7.44
N LEU A 109 6.11 -0.65 7.90
CA LEU A 109 4.75 -0.29 8.26
C LEU A 109 4.15 -1.35 9.17
N GLY A 110 3.01 -1.03 9.75
CA GLY A 110 2.21 -2.03 10.45
C GLY A 110 0.75 -1.67 10.27
N ILE A 111 -0.14 -2.64 10.40
CA ILE A 111 -1.56 -2.37 10.43
C ILE A 111 -1.87 -1.45 11.62
N SER A 112 -2.78 -0.53 11.40
CA SER A 112 -3.12 0.51 12.36
C SER A 112 -4.59 0.88 12.24
N ILE A 113 -5.06 1.65 13.21
CA ILE A 113 -6.46 2.03 13.26
C ILE A 113 -6.58 3.51 12.96
N MET A 114 -7.47 3.83 12.00
CA MET A 114 -7.85 5.21 11.71
C MET A 114 -9.23 5.51 12.25
N ILE A 115 -9.32 6.58 13.04
CA ILE A 115 -10.60 7.05 13.55
C ILE A 115 -10.88 8.49 13.18
N LYS A 116 -12.17 8.85 13.18
CA LYS A 116 -12.56 10.25 13.13
C LYS A 116 -12.19 10.84 14.48
N LYS A 117 -11.57 12.01 14.51
CA LYS A 117 -11.13 12.60 15.77
C LYS A 117 -12.25 12.60 16.82
N GLY A 118 -11.91 12.15 18.03
CA GLY A 118 -12.84 12.12 19.14
C GLY A 118 -13.51 10.79 19.36
N THR A 119 -13.37 9.88 18.40
CA THR A 119 -13.94 8.56 18.58
C THR A 119 -13.28 7.87 19.77
N PRO A 120 -14.08 7.29 20.68
CA PRO A 120 -13.55 6.70 21.91
C PRO A 120 -13.04 5.27 21.69
N ILE A 121 -11.96 5.19 20.92
CA ILE A 121 -11.28 3.95 20.62
C ILE A 121 -9.78 4.20 20.72
N GLU A 122 -9.07 3.34 21.42
CA GLU A 122 -7.63 3.45 21.58
C GLU A 122 -6.84 2.24 21.10
N SER A 123 -7.51 1.15 20.77
CA SER A 123 -6.83 -0.10 20.46
C SER A 123 -7.74 -1.05 19.71
N ALA A 124 -7.12 -2.06 19.11
CA ALA A 124 -7.86 -3.16 18.53
C ALA A 124 -8.75 -3.85 19.57
N GLU A 125 -8.20 -4.05 20.77
CA GLU A 125 -8.99 -4.69 21.82
C GLU A 125 -10.28 -3.89 22.10
N ASP A 126 -10.17 -2.57 22.21
CA ASP A 126 -11.35 -1.69 22.31
C ASP A 126 -12.38 -1.95 21.21
N LEU A 127 -11.93 -2.00 19.96
CA LEU A 127 -12.85 -2.29 18.85
C LEU A 127 -13.57 -3.62 19.04
N SER A 128 -12.82 -4.62 19.47
CA SER A 128 -13.34 -5.99 19.54
C SER A 128 -14.36 -6.19 20.64
N LYS A 129 -14.44 -5.24 21.56
CA LYS A 129 -15.28 -5.38 22.75
C LYS A 129 -16.50 -4.47 22.74
N GLN A 130 -16.85 -3.93 21.58
CA GLN A 130 -17.95 -2.98 21.45
C GLN A 130 -18.68 -3.18 20.15
N THR A 131 -19.88 -2.59 20.08
CA THR A 131 -20.75 -2.71 18.92
C THR A 131 -21.28 -1.36 18.41
N GLU A 132 -20.79 -0.24 18.93
CA GLU A 132 -21.28 1.05 18.50
C GLU A 132 -20.63 1.53 17.20
N ILE A 133 -19.42 1.03 16.95
CA ILE A 133 -18.55 1.54 15.90
C ILE A 133 -18.14 0.37 15.01
N ALA A 134 -18.51 0.46 13.74
CA ALA A 134 -18.17 -0.56 12.76
C ALA A 134 -16.74 -0.35 12.33
N TYR A 135 -16.15 -1.39 11.76
CA TYR A 135 -14.79 -1.25 11.24
C TYR A 135 -14.51 -2.32 10.20
N GLY A 136 -13.62 -1.98 9.27
CA GLY A 136 -13.28 -2.86 8.16
C GLY A 136 -11.90 -2.58 7.59
N THR A 137 -11.64 -3.23 6.46
CA THR A 137 -10.34 -3.18 5.81
C THR A 137 -10.52 -3.06 4.31
N LEU A 138 -9.41 -2.87 3.61
CA LEU A 138 -9.35 -2.93 2.16
C LEU A 138 -9.51 -4.37 1.65
N ASP A 139 -10.18 -4.53 0.50
CA ASP A 139 -10.23 -5.82 -0.19
C ASP A 139 -8.94 -6.13 -0.92
N SER A 140 -8.66 -7.42 -1.06
CA SER A 140 -7.60 -7.93 -1.95
C SER A 140 -6.21 -7.46 -1.57
N GLY A 141 -5.99 -7.29 -0.27
CA GLY A 141 -4.68 -6.91 0.19
C GLY A 141 -4.26 -7.64 1.44
N SER A 142 -3.11 -7.25 1.96
CA SER A 142 -2.49 -7.96 3.06
C SER A 142 -3.17 -7.73 4.41
N THR A 143 -3.87 -6.61 4.58
CA THR A 143 -4.56 -6.34 5.84
C THR A 143 -5.73 -7.28 6.03
N LYS A 144 -6.50 -7.47 4.97
CA LYS A 144 -7.64 -8.39 5.06
C LYS A 144 -7.13 -9.81 5.31
N GLU A 145 -6.07 -10.21 4.61
CA GLU A 145 -5.48 -11.52 4.84
C GLU A 145 -4.95 -11.69 6.26
N PHE A 146 -4.36 -10.65 6.83
CA PHE A 146 -3.88 -10.69 8.20
C PHE A 146 -5.00 -11.12 9.16
N PHE A 147 -6.18 -10.51 9.01
CA PHE A 147 -7.27 -10.85 9.92
C PHE A 147 -7.82 -12.23 9.62
N ARG A 148 -7.93 -12.55 8.35
CA ARG A 148 -8.46 -13.86 7.94
C ARG A 148 -7.62 -14.98 8.55
N ARG A 149 -6.32 -14.75 8.65
CA ARG A 149 -5.39 -15.80 9.06
C ARG A 149 -5.01 -15.80 10.52
N SER A 150 -5.27 -14.71 11.23
CA SER A 150 -4.72 -14.58 12.57
C SER A 150 -5.30 -15.61 13.54
N LYS A 151 -4.41 -16.14 14.37
CA LYS A 151 -4.83 -17.02 15.46
C LYS A 151 -4.81 -16.28 16.78
N ILE A 152 -4.43 -15.00 16.77
CA ILE A 152 -4.48 -14.16 17.96
C ILE A 152 -5.93 -13.84 18.30
N ALA A 153 -6.29 -14.08 19.55
CA ALA A 153 -7.70 -14.09 19.95
C ALA A 153 -8.45 -12.83 19.52
N VAL A 154 -7.91 -11.67 19.86
CA VAL A 154 -8.56 -10.40 19.55
C VAL A 154 -8.75 -10.25 18.04
N PHE A 155 -7.72 -10.57 17.26
CA PHE A 155 -7.81 -10.36 15.82
C PHE A 155 -8.76 -11.37 15.17
N ASP A 156 -8.81 -12.59 15.72
CA ASP A 156 -9.72 -13.62 15.22
C ASP A 156 -11.17 -13.22 15.48
N LYS A 157 -11.41 -12.65 16.65
CA LYS A 157 -12.75 -12.12 16.99
C LYS A 157 -13.14 -10.99 16.04
N MET A 158 -12.21 -10.09 15.75
CA MET A 158 -12.47 -9.01 14.82
C MET A 158 -12.80 -9.55 13.43
N TRP A 159 -12.07 -10.57 12.97
CA TRP A 159 -12.33 -11.14 11.66
C TRP A 159 -13.72 -11.80 11.59
N THR A 160 -14.07 -12.51 12.64
CA THR A 160 -15.38 -13.18 12.68
C THR A 160 -16.49 -12.15 12.56
N TYR A 161 -16.31 -11.00 13.20
CA TYR A 161 -17.26 -9.90 13.07
C TYR A 161 -17.23 -9.29 11.66
N MET A 162 -16.04 -8.89 11.19
CA MET A 162 -15.96 -8.20 9.91
C MET A 162 -16.48 -9.02 8.74
N ARG A 163 -16.15 -10.30 8.69
CA ARG A 163 -16.44 -11.13 7.53
C ARG A 163 -17.93 -11.28 7.30
N SER A 164 -18.72 -11.10 8.36
CA SER A 164 -20.16 -11.31 8.25
CA SER A 164 -20.17 -11.32 8.30
C SER A 164 -21.01 -10.04 8.46
N ALA A 165 -20.36 -8.93 8.80
CA ALA A 165 -21.08 -7.68 9.01
C ALA A 165 -21.87 -7.26 7.78
N GLU A 166 -23.09 -6.76 8.02
CA GLU A 166 -23.94 -6.23 6.96
C GLU A 166 -24.47 -4.89 7.45
N PRO A 167 -24.37 -3.84 6.62
CA PRO A 167 -23.71 -3.81 5.30
C PRO A 167 -22.22 -4.08 5.38
N SER A 168 -21.65 -4.43 4.23
CA SER A 168 -20.23 -4.79 4.20
C SER A 168 -19.36 -3.69 4.79
N VAL A 169 -18.35 -4.09 5.55
CA VAL A 169 -17.41 -3.14 6.13
C VAL A 169 -16.15 -3.01 5.29
N PHE A 170 -16.06 -3.78 4.21
CA PHE A 170 -14.86 -3.76 3.37
C PHE A 170 -14.98 -2.70 2.29
N VAL A 171 -13.85 -2.19 1.84
CA VAL A 171 -13.84 -1.17 0.81
C VAL A 171 -12.91 -1.57 -0.33
N ARG A 172 -13.10 -0.95 -1.49
CA ARG A 172 -12.34 -1.31 -2.68
C ARG A 172 -11.03 -0.56 -2.81
N THR A 173 -10.96 0.60 -2.21
CA THR A 173 -9.79 1.46 -2.28
C THR A 173 -9.59 2.14 -0.94
N THR A 174 -8.35 2.53 -0.65
CA THR A 174 -8.06 3.25 0.57
C THR A 174 -8.88 4.54 0.66
N ALA A 175 -8.98 5.26 -0.46
CA ALA A 175 -9.75 6.51 -0.48
C ALA A 175 -11.19 6.29 0.00
N GLU A 176 -11.78 5.17 -0.40
CA GLU A 176 -13.15 4.84 0.00
C GLU A 176 -13.24 4.60 1.53
N GLY A 177 -12.23 3.96 2.08
CA GLY A 177 -12.22 3.71 3.51
C GLY A 177 -12.08 5.03 4.28
N VAL A 178 -11.23 5.91 3.79
CA VAL A 178 -11.00 7.19 4.44
C VAL A 178 -12.28 8.03 4.40
N ALA A 179 -12.93 8.04 3.24
CA ALA A 179 -14.17 8.78 3.09
C ALA A 179 -15.23 8.23 4.05
N ARG A 180 -15.27 6.91 4.21
CA ARG A 180 -16.24 6.30 5.11
C ARG A 180 -16.01 6.72 6.58
N VAL A 181 -14.73 6.80 6.99
CA VAL A 181 -14.40 7.27 8.33
C VAL A 181 -14.89 8.72 8.48
N ARG A 182 -14.55 9.54 7.50
CA ARG A 182 -14.82 10.98 7.62
C ARG A 182 -16.31 11.30 7.65
N LYS A 183 -17.12 10.50 6.97
CA LYS A 183 -18.55 10.79 6.89
C LYS A 183 -19.41 10.09 7.94
N SER A 184 -18.81 9.22 8.75
CA SER A 184 -19.64 8.32 9.54
C SER A 184 -19.85 8.80 10.99
N LYS A 185 -19.46 10.04 11.28
CA LYS A 185 -19.72 10.66 12.59
C LYS A 185 -19.21 9.81 13.75
N GLY A 186 -18.08 9.15 13.54
CA GLY A 186 -17.48 8.33 14.58
C GLY A 186 -17.88 6.85 14.55
N LYS A 187 -18.82 6.47 13.66
CA LYS A 187 -19.39 5.14 13.69
C LYS A 187 -18.67 4.14 12.76
N TYR A 188 -17.57 4.57 12.13
CA TYR A 188 -16.75 3.67 11.34
C TYR A 188 -15.29 4.00 11.60
N ALA A 189 -14.51 2.95 11.86
CA ALA A 189 -13.07 3.05 11.98
C ALA A 189 -12.49 2.16 10.89
N TYR A 190 -11.32 2.54 10.39
CA TYR A 190 -10.74 1.85 9.25
C TYR A 190 -9.37 1.27 9.64
N LEU A 191 -9.18 0.01 9.29
CA LEU A 191 -7.92 -0.69 9.54
C LEU A 191 -7.08 -0.60 8.26
N LEU A 192 -5.93 0.06 8.37
CA LEU A 192 -5.10 0.30 7.20
C LEU A 192 -3.66 0.46 7.66
N GLU A 193 -2.76 0.39 6.71
CA GLU A 193 -1.35 0.46 7.06
C GLU A 193 -0.95 1.83 7.61
N SER A 194 -0.04 1.79 8.56
CA SER A 194 0.39 2.98 9.29
C SER A 194 0.88 4.07 8.37
N THR A 195 1.56 3.67 7.31
CA THR A 195 2.05 4.61 6.30
C THR A 195 0.92 5.46 5.67
N MET A 196 -0.13 4.79 5.22
CA MET A 196 -1.24 5.51 4.65
CA MET A 196 -1.29 5.47 4.66
C MET A 196 -1.98 6.33 5.72
N ASN A 197 -2.13 5.76 6.91
CA ASN A 197 -2.81 6.42 8.03
C ASN A 197 -2.11 7.72 8.39
N GLU A 198 -0.79 7.66 8.52
CA GLU A 198 -0.01 8.83 8.90
C GLU A 198 0.03 9.90 7.81
N TYR A 199 -0.08 9.48 6.55
CA TYR A 199 -0.21 10.44 5.47
C TYR A 199 -1.53 11.19 5.55
N ILE A 200 -2.62 10.43 5.71
CA ILE A 200 -3.96 11.04 5.71
C ILE A 200 -4.12 11.96 6.92
N GLU A 201 -3.45 11.62 8.03
CA GLU A 201 -3.53 12.42 9.24
C GLU A 201 -3.01 13.84 8.99
N GLN A 202 -2.14 14.01 7.99
CA GLN A 202 -1.59 15.32 7.69
C GLN A 202 -2.28 16.00 6.49
N ARG A 203 -3.45 15.50 6.10
CA ARG A 203 -4.19 16.07 4.99
CA ARG A 203 -4.20 16.06 4.98
C ARG A 203 -5.48 16.74 5.47
N LYS A 204 -5.81 17.88 4.88
CA LYS A 204 -7.08 18.53 5.18
C LYS A 204 -8.21 17.55 4.90
N PRO A 205 -9.28 17.60 5.69
CA PRO A 205 -9.58 18.58 6.73
C PRO A 205 -9.08 18.21 8.13
N CYS A 206 -8.05 17.39 8.20
CA CYS A 206 -7.39 17.14 9.48
C CYS A 206 -8.38 16.64 10.50
N ASP A 207 -9.22 15.68 10.09
CA ASP A 207 -10.30 15.20 10.93
C ASP A 207 -10.14 13.73 11.31
N THR A 208 -8.99 13.15 10.96
CA THR A 208 -8.72 11.75 11.28
C THR A 208 -7.47 11.63 12.13
N MET A 209 -7.34 10.50 12.80
CA MET A 209 -6.11 10.24 13.49
C MET A 209 -5.82 8.76 13.65
N LYS A 210 -4.53 8.47 13.74
CA LYS A 210 -4.05 7.13 14.00
C LYS A 210 -4.08 6.89 15.50
N VAL A 211 -4.69 5.81 15.94
CA VAL A 211 -4.73 5.50 17.38
C VAL A 211 -4.18 4.12 17.71
N GLY A 212 -3.52 4.04 18.87
CA GLY A 212 -2.95 2.80 19.34
C GLY A 212 -1.63 2.48 18.66
N GLY A 213 -1.04 1.37 19.06
CA GLY A 213 0.19 0.95 18.42
C GLY A 213 -0.20 0.21 17.16
N ASN A 214 0.78 -0.14 16.35
CA ASN A 214 0.51 -0.98 15.20
C ASN A 214 0.29 -2.42 15.65
N LEU A 215 -0.52 -3.16 14.88
CA LEU A 215 -0.90 -4.52 15.20
C LEU A 215 0.17 -5.51 14.76
N ASP A 216 0.98 -5.10 13.80
CA ASP A 216 2.08 -5.94 13.31
C ASP A 216 3.22 -5.06 12.77
N SER A 217 4.26 -5.72 12.27
CA SER A 217 5.47 -5.04 11.82
CA SER A 217 5.44 -5.03 11.81
C SER A 217 5.98 -5.73 10.56
N LYS A 218 6.03 -5.00 9.45
CA LYS A 218 6.43 -5.59 8.18
C LYS A 218 6.96 -4.54 7.21
N GLY A 219 7.15 -4.92 5.95
CA GLY A 219 7.75 -4.01 4.99
C GLY A 219 7.14 -4.08 3.60
N TYR A 220 7.34 -3.00 2.85
CA TYR A 220 7.04 -3.01 1.42
C TYR A 220 8.29 -3.37 0.64
N GLY A 221 8.12 -4.14 -0.43
CA GLY A 221 9.24 -4.45 -1.29
C GLY A 221 8.93 -4.24 -2.75
N ILE A 222 9.98 -4.04 -3.53
CA ILE A 222 9.87 -3.99 -4.96
CA ILE A 222 9.89 -3.99 -4.97
C ILE A 222 9.81 -5.42 -5.50
N ALA A 223 8.79 -5.70 -6.30
CA ALA A 223 8.56 -7.08 -6.73
C ALA A 223 8.82 -7.29 -8.20
N THR A 224 9.33 -8.48 -8.52
CA THR A 224 9.56 -8.91 -9.88
C THR A 224 9.04 -10.33 -10.03
N PRO A 225 8.79 -10.75 -11.28
CA PRO A 225 8.39 -12.14 -11.49
C PRO A 225 9.49 -13.05 -10.98
N LYS A 226 9.11 -14.22 -10.48
CA LYS A 226 10.04 -15.13 -9.86
C LYS A 226 11.14 -15.52 -10.84
N GLY A 227 12.38 -15.35 -10.40
CA GLY A 227 13.53 -15.65 -11.24
C GLY A 227 13.95 -14.57 -12.21
N SER A 228 13.26 -13.43 -12.23
CA SER A 228 13.61 -12.34 -13.13
C SER A 228 15.04 -11.90 -12.90
N SER A 229 15.77 -11.70 -14.01
CA SER A 229 17.14 -11.19 -13.93
C SER A 229 17.23 -9.78 -13.34
N LEU A 230 16.13 -9.04 -13.33
CA LEU A 230 16.14 -7.67 -12.81
C LEU A 230 16.29 -7.63 -11.28
N GLY A 231 15.90 -8.72 -10.63
CA GLY A 231 15.78 -8.72 -9.17
C GLY A 231 17.05 -8.37 -8.40
N ASN A 232 18.18 -8.93 -8.81
CA ASN A 232 19.41 -8.71 -8.07
CA ASN A 232 19.43 -8.69 -8.08
C ASN A 232 19.83 -7.23 -8.06
N ALA A 233 19.79 -6.61 -9.23
CA ALA A 233 20.20 -5.21 -9.35
C ALA A 233 19.24 -4.29 -8.60
N VAL A 234 17.95 -4.57 -8.72
CA VAL A 234 16.94 -3.77 -8.04
C VAL A 234 17.12 -3.87 -6.51
N ASN A 235 17.42 -5.06 -6.01
CA ASN A 235 17.62 -5.20 -4.59
C ASN A 235 18.82 -4.40 -4.09
N LEU A 236 19.92 -4.45 -4.82
CA LEU A 236 21.08 -3.65 -4.43
C LEU A 236 20.74 -2.16 -4.50
N ALA A 237 19.97 -1.77 -5.50
CA ALA A 237 19.60 -0.37 -5.61
C ALA A 237 18.80 0.10 -4.38
N VAL A 238 17.87 -0.71 -3.91
CA VAL A 238 17.12 -0.36 -2.70
C VAL A 238 18.07 -0.16 -1.52
N LEU A 239 19.01 -1.09 -1.36
CA LEU A 239 19.93 -0.97 -0.24
C LEU A 239 20.81 0.28 -0.38
N LYS A 240 21.24 0.58 -1.60
CA LYS A 240 22.06 1.78 -1.82
C LYS A 240 21.27 3.05 -1.48
N LEU A 241 20.03 3.12 -1.96
CA LEU A 241 19.19 4.29 -1.68
C LEU A 241 18.89 4.41 -0.20
N SER A 242 18.67 3.28 0.45
CA SER A 242 18.52 3.28 1.91
C SER A 242 19.73 3.91 2.58
N GLU A 243 20.91 3.41 2.24
CA GLU A 243 22.14 3.79 2.91
C GLU A 243 22.54 5.23 2.61
N GLN A 244 22.14 5.73 1.45
CA GLN A 244 22.39 7.13 1.09
C GLN A 244 21.45 8.09 1.79
N GLY A 245 20.41 7.59 2.45
CA GLY A 245 19.43 8.43 3.09
C GLY A 245 18.34 8.93 2.14
N LEU A 246 18.32 8.42 0.91
CA LEU A 246 17.37 8.90 -0.07
C LEU A 246 15.95 8.46 0.25
N LEU A 247 15.78 7.23 0.75
CA LEU A 247 14.43 6.79 1.09
C LEU A 247 13.85 7.66 2.20
N ASP A 248 14.67 8.04 3.17
CA ASP A 248 14.22 8.91 4.25
C ASP A 248 13.79 10.28 3.71
N LYS A 249 14.57 10.79 2.77
CA LYS A 249 14.32 12.09 2.19
C LYS A 249 13.02 12.05 1.42
N LEU A 250 12.77 10.97 0.70
CA LEU A 250 11.54 10.82 -0.04
C LEU A 250 10.32 10.69 0.87
N LYS A 251 10.44 9.97 1.98
CA LYS A 251 9.32 9.86 2.91
C LYS A 251 8.98 11.23 3.46
N ASN A 252 10.00 11.99 3.80
CA ASN A 252 9.77 13.31 4.34
C ASN A 252 9.13 14.23 3.33
N LYS A 253 9.62 14.16 2.09
CA LYS A 253 9.09 14.95 0.99
C LYS A 253 7.59 14.73 0.81
N TRP A 254 7.14 13.47 0.82
CA TRP A 254 5.76 13.18 0.46
C TRP A 254 4.77 13.07 1.63
N TRP A 255 5.26 12.93 2.85
CA TRP A 255 4.39 12.83 4.02
C TRP A 255 4.26 14.14 4.78
N TYR A 256 5.41 14.73 5.05
CA TYR A 256 5.50 15.80 6.04
C TYR A 256 5.82 17.16 5.45
N ASP A 257 6.73 17.23 4.49
CA ASP A 257 7.06 18.53 3.92
C ASP A 257 5.83 19.23 3.36
N LYS A 258 4.93 18.47 2.75
CA LYS A 258 3.74 19.09 2.17
C LYS A 258 2.48 18.78 2.98
N GLY A 259 2.65 18.47 4.27
CA GLY A 259 1.53 18.26 5.16
C GLY A 259 0.69 19.52 5.28
N GLU A 260 -0.62 19.35 5.48
CA GLU A 260 -1.59 20.44 5.40
C GLU A 260 -2.22 20.77 6.74
N CYS A 261 -1.72 20.16 7.81
CA CYS A 261 -2.34 20.26 9.12
C CYS A 261 -1.38 20.86 10.14
N GLY A 262 -0.51 21.76 9.65
CA GLY A 262 0.40 22.51 10.51
C GLY A 262 1.81 21.95 10.49
N SER A 263 2.69 22.64 11.22
CA SER A 263 4.10 22.24 11.28
C SER A 263 4.37 21.30 12.45
#